data_2X9A
#
_entry.id   2X9A
#
_cell.length_a   94.515
_cell.length_b   94.515
_cell.length_c   132.111
_cell.angle_alpha   90.00
_cell.angle_beta   90.00
_cell.angle_gamma   120.00
#
_symmetry.space_group_name_H-M   'H 3'
#
loop_
_entity.id
_entity.type
_entity.pdbx_description
1 polymer 'ATTACHMENT PROTEIN G3P'
2 polymer 'MEMBRANE SPANNING PROTEIN, REQUIRED FOR OUTER MEMBRANE INTEGRITY'
3 water water
#
loop_
_entity_poly.entity_id
_entity_poly.type
_entity_poly.pdbx_seq_one_letter_code
_entity_poly.pdbx_strand_id
1 'polypeptide(L)' ATTDAECLSKPAFDGTLSNVWKEGDSRYANFENCIYELSGIGIGYDNDTSWNGHWTPVRAADGSG A,C
2 'polypeptide(L)'
;DDIFGELSSGKNAPKTGGGAKGNNASPAGSGNTKNNGASGADINNYAGQIKSAIESKFYDASSYAGKTCTLRIKLAPDGM
LLDIKPEGGDPALCQAALAAAKLAKIPKPPSQAVYEVFKNAPLDFKPAAAHHHHHH
;
B,D
#
# COMPACT_ATOMS: atom_id res chain seq x y z
N THR A 2 0.74 23.62 -10.95
CA THR A 2 0.19 22.29 -11.19
C THR A 2 -1.33 22.35 -11.35
N THR A 3 -1.83 21.97 -12.53
CA THR A 3 -3.25 22.11 -12.83
C THR A 3 -4.05 20.96 -12.24
N ASP A 4 -5.37 21.09 -12.30
CA ASP A 4 -6.24 19.98 -11.98
C ASP A 4 -5.93 18.80 -12.90
N ALA A 5 -6.00 19.05 -14.19
CA ALA A 5 -5.83 18.00 -15.19
C ALA A 5 -4.54 17.24 -14.96
N GLU A 6 -3.47 17.96 -14.63
CA GLU A 6 -2.21 17.32 -14.33
C GLU A 6 -2.34 16.42 -13.11
N CYS A 7 -2.96 16.94 -12.05
CA CYS A 7 -3.20 16.15 -10.85
C CYS A 7 -3.96 14.88 -11.16
N LEU A 8 -5.09 15.02 -11.84
CA LEU A 8 -5.90 13.87 -12.22
C LEU A 8 -5.07 12.77 -12.89
N SER A 9 -4.07 13.16 -13.66
CA SER A 9 -3.26 12.21 -14.40
C SER A 9 -2.20 11.49 -13.55
N LYS A 10 -1.96 11.96 -12.32
CA LYS A 10 -1.06 11.23 -11.43
C LYS A 10 -1.70 9.92 -10.94
N PRO A 11 -0.88 8.94 -10.55
CA PRO A 11 -1.41 7.63 -10.15
C PRO A 11 -1.99 7.63 -8.74
N ALA A 12 -2.97 6.77 -8.53
CA ALA A 12 -3.53 6.51 -7.22
C ALA A 12 -2.58 5.57 -6.49
N PHE A 13 -2.68 5.51 -5.16
CA PHE A 13 -1.79 4.65 -4.39
C PHE A 13 -2.42 4.23 -3.07
N ASP A 14 -1.85 3.21 -2.45
CA ASP A 14 -2.29 2.77 -1.12
C ASP A 14 -1.23 3.17 -0.11
N GLY A 15 -1.61 3.92 0.93
CA GLY A 15 -0.63 4.36 1.90
C GLY A 15 -1.16 5.45 2.79
N THR A 16 -0.27 5.99 3.62
CA THR A 16 -0.68 7.00 4.61
C THR A 16 -0.44 8.41 4.11
N LEU A 17 -1.47 9.24 4.16
CA LEU A 17 -1.27 10.68 4.06
C LEU A 17 -1.60 11.27 5.41
N SER A 18 -0.99 12.40 5.73
CA SER A 18 -1.31 13.00 7.01
C SER A 18 -1.78 14.42 6.78
N ASN A 19 -2.12 15.10 7.87
CA ASN A 19 -2.83 16.37 7.80
C ASN A 19 -4.06 16.26 6.93
N VAL A 20 -4.73 15.12 7.08
CA VAL A 20 -5.98 14.83 6.42
C VAL A 20 -7.11 15.64 7.03
N TRP A 21 -7.98 16.18 6.18
CA TRP A 21 -9.11 16.96 6.68
C TRP A 21 -10.39 16.34 6.14
N LYS A 22 -11.52 16.81 6.65
CA LYS A 22 -12.79 16.22 6.30
C LYS A 22 -13.73 17.30 5.75
N GLU A 23 -14.39 16.98 4.63
CA GLU A 23 -15.46 17.79 4.06
C GLU A 23 -16.62 16.82 3.89
N GLY A 24 -17.73 17.11 4.55
CA GLY A 24 -18.85 16.21 4.53
C GLY A 24 -18.44 14.84 5.01
N ASP A 25 -18.68 13.81 4.18
CA ASP A 25 -18.39 12.42 4.53
C ASP A 25 -16.96 12.06 4.18
N SER A 26 -16.35 12.89 3.36
CA SER A 26 -15.13 12.49 2.68
C SER A 26 -13.87 13.13 3.26
N ARG A 27 -12.75 12.45 3.10
CA ARG A 27 -11.46 12.92 3.60
C ARG A 27 -10.46 13.19 2.47
N TYR A 28 -9.65 14.23 2.65
CA TYR A 28 -8.73 14.73 1.65
C TYR A 28 -7.37 15.03 2.30
N ALA A 29 -6.33 15.18 1.48
CA ALA A 29 -5.01 15.50 1.98
C ALA A 29 -4.15 16.04 0.86
N ASN A 30 -3.21 16.92 1.20
CA ASN A 30 -2.31 17.50 0.21
C ASN A 30 -1.13 16.60 -0.08
N PHE A 31 -0.80 16.44 -1.37
CA PHE A 31 0.32 15.62 -1.77
C PHE A 31 0.71 16.00 -3.20
N GLU A 32 2.01 16.17 -3.45
CA GLU A 32 2.48 16.51 -4.79
C GLU A 32 1.66 17.64 -5.42
N ASN A 33 1.50 18.74 -4.67
CA ASN A 33 0.75 19.92 -5.14
C ASN A 33 -0.67 19.61 -5.58
N CYS A 34 -1.16 18.46 -5.13
CA CYS A 34 -2.50 18.02 -5.49
C CYS A 34 -3.29 17.64 -4.27
N ILE A 35 -4.61 17.54 -4.43
CA ILE A 35 -5.46 17.04 -3.36
C ILE A 35 -5.89 15.63 -3.72
N TYR A 36 -5.70 14.71 -2.78
CA TYR A 36 -6.06 13.31 -2.94
C TYR A 36 -7.26 13.01 -2.06
N GLU A 37 -8.10 12.08 -2.49
CA GLU A 37 -9.27 11.71 -1.72
C GLU A 37 -9.20 10.24 -1.31
N LEU A 38 -9.68 9.93 -0.12
CA LEU A 38 -9.61 8.57 0.41
C LEU A 38 -10.85 7.78 0.05
N SER A 39 -10.65 6.52 -0.31
CA SER A 39 -11.79 5.65 -0.60
C SER A 39 -11.51 4.25 -0.11
N GLY A 40 -12.50 3.36 -0.22
CA GLY A 40 -12.34 2.00 0.27
C GLY A 40 -12.49 1.93 1.78
N ILE A 41 -11.80 0.98 2.37
CA ILE A 41 -11.66 0.94 3.81
C ILE A 41 -10.42 1.74 4.14
N GLY A 42 -10.55 2.71 5.05
CA GLY A 42 -9.38 3.47 5.47
C GLY A 42 -9.19 3.34 6.97
N ILE A 43 -7.94 3.38 7.40
CA ILE A 43 -7.60 3.26 8.83
C ILE A 43 -6.97 4.55 9.28
N GLY A 44 -7.46 5.11 10.38
CA GLY A 44 -6.98 6.40 10.84
C GLY A 44 -6.10 6.39 12.09
N TYR A 45 -5.30 7.44 12.23
CA TYR A 45 -4.58 7.69 13.47
C TYR A 45 -4.08 9.12 13.57
N ASP A 46 -3.24 9.39 14.57
CA ASP A 46 -2.82 10.75 14.87
C ASP A 46 -4.03 11.65 14.94
N ASN A 47 -4.89 11.39 15.92
CA ASN A 47 -6.10 12.17 16.07
C ASN A 47 -6.83 12.38 14.74
N ASP A 48 -6.86 11.34 13.93
CA ASP A 48 -7.71 11.33 12.76
C ASP A 48 -7.16 12.19 11.65
N THR A 49 -5.92 12.64 11.81
CA THR A 49 -5.27 13.46 10.78
C THR A 49 -4.33 12.65 9.91
N SER A 50 -4.12 11.38 10.25
CA SER A 50 -3.37 10.46 9.40
C SER A 50 -4.22 9.25 9.00
N TRP A 51 -4.37 9.04 7.70
CA TRP A 51 -5.19 7.95 7.22
C TRP A 51 -4.45 7.08 6.22
N ASN A 52 -4.53 5.78 6.45
CA ASN A 52 -4.04 4.78 5.52
C ASN A 52 -5.17 4.23 4.64
N GLY A 53 -5.00 4.25 3.33
CA GLY A 53 -6.00 3.67 2.47
C GLY A 53 -5.76 3.89 1.00
N HIS A 54 -6.84 3.97 0.22
CA HIS A 54 -6.68 4.25 -1.20
C HIS A 54 -6.84 5.73 -1.45
N TRP A 55 -5.81 6.33 -2.03
CA TRP A 55 -5.79 7.76 -2.30
C TRP A 55 -5.79 8.04 -3.78
N THR A 56 -6.73 8.88 -4.19
CA THR A 56 -6.88 9.21 -5.59
C THR A 56 -6.87 10.72 -5.72
N PRO A 57 -6.08 11.25 -6.67
CA PRO A 57 -6.03 12.68 -6.98
C PRO A 57 -7.37 13.17 -7.51
N VAL A 58 -7.82 14.33 -7.04
CA VAL A 58 -9.09 14.88 -7.49
C VAL A 58 -8.96 16.30 -8.04
N ARG A 59 -8.01 17.07 -7.50
CA ARG A 59 -7.75 18.43 -7.99
C ARG A 59 -6.48 19.07 -7.43
N ALA A 60 -6.15 20.24 -7.93
CA ALA A 60 -4.95 20.94 -7.50
C ALA A 60 -5.17 21.47 -6.09
N ALA A 61 -4.08 21.78 -5.40
CA ALA A 61 -4.16 22.32 -4.05
C ALA A 61 -5.00 23.61 -3.96
N ASP A 62 -5.34 23.99 -2.73
CA ASP A 62 -6.30 25.08 -2.49
C ASP A 62 -7.73 24.64 -2.84
N SER B 39 8.20 3.44 14.46
CA SER B 39 8.63 3.49 13.07
C SER B 39 7.47 3.70 12.11
N GLY B 40 7.63 4.60 11.15
CA GLY B 40 6.58 4.95 10.22
C GLY B 40 6.20 3.86 9.25
N ALA B 41 7.17 3.02 8.85
CA ALA B 41 6.88 1.92 7.95
C ALA B 41 6.08 0.84 8.65
N ASP B 42 6.50 0.47 9.86
CA ASP B 42 5.75 -0.48 10.68
C ASP B 42 4.32 -0.02 10.89
N ILE B 43 4.15 1.28 11.11
CA ILE B 43 2.83 1.83 11.39
C ILE B 43 1.94 1.65 10.16
N ASN B 44 2.48 2.03 9.01
CA ASN B 44 1.77 1.91 7.75
C ASN B 44 1.53 0.46 7.32
N ASN B 45 2.52 -0.41 7.49
CA ASN B 45 2.35 -1.82 7.15
C ASN B 45 1.28 -2.50 8.00
N TYR B 46 1.21 -2.13 9.28
CA TYR B 46 0.20 -2.67 10.16
C TYR B 46 -1.18 -2.15 9.78
N ALA B 47 -1.28 -0.86 9.47
CA ALA B 47 -2.54 -0.29 9.00
C ALA B 47 -3.03 -1.11 7.83
N GLY B 48 -2.11 -1.39 6.90
CA GLY B 48 -2.42 -2.15 5.71
C GLY B 48 -2.91 -3.55 5.99
N GLN B 49 -2.43 -4.13 7.09
CA GLN B 49 -2.85 -5.47 7.48
C GLN B 49 -4.20 -5.46 8.15
N ILE B 50 -4.47 -4.42 8.93
CA ILE B 50 -5.80 -4.27 9.50
C ILE B 50 -6.83 -4.14 8.39
N LYS B 51 -6.52 -3.25 7.45
CA LYS B 51 -7.40 -2.96 6.32
C LYS B 51 -7.61 -4.19 5.49
N SER B 52 -6.56 -4.96 5.29
CA SER B 52 -6.68 -6.13 4.45
C SER B 52 -7.49 -7.19 5.19
N ALA B 53 -7.27 -7.31 6.49
CA ALA B 53 -8.02 -8.28 7.29
C ALA B 53 -9.52 -7.99 7.23
N ILE B 54 -9.89 -6.73 7.36
CA ILE B 54 -11.30 -6.36 7.32
C ILE B 54 -11.81 -6.49 5.90
N GLU B 55 -11.02 -6.07 4.93
CA GLU B 55 -11.41 -6.18 3.53
C GLU B 55 -11.94 -7.56 3.22
N SER B 56 -11.28 -8.58 3.75
CA SER B 56 -11.62 -9.95 3.37
C SER B 56 -12.87 -10.52 4.04
N LYS B 57 -13.42 -9.80 5.03
CA LYS B 57 -14.69 -10.19 5.68
C LYS B 57 -15.78 -9.22 5.24
N PHE B 58 -15.49 -8.38 4.27
CA PHE B 58 -16.41 -7.33 3.86
C PHE B 58 -16.93 -7.67 2.48
N TYR B 59 -18.19 -8.06 2.40
CA TYR B 59 -18.63 -8.81 1.24
C TYR B 59 -19.17 -8.11 0.00
N ASP B 60 -20.23 -7.34 0.11
CA ASP B 60 -20.81 -6.77 -1.11
C ASP B 60 -20.31 -5.36 -1.38
N ALA B 61 -19.02 -5.16 -1.17
CA ALA B 61 -18.41 -3.84 -1.25
C ALA B 61 -18.99 -2.97 -2.36
N SER B 62 -19.00 -3.49 -3.59
CA SER B 62 -19.48 -2.72 -4.74
C SER B 62 -20.94 -2.28 -4.59
N SER B 63 -21.75 -3.13 -3.98
CA SER B 63 -23.19 -2.87 -3.83
C SER B 63 -23.47 -1.65 -2.97
N TYR B 64 -22.49 -1.25 -2.17
CA TYR B 64 -22.66 -0.10 -1.27
C TYR B 64 -22.07 1.18 -1.84
N ALA B 65 -21.72 1.16 -3.12
CA ALA B 65 -21.07 2.32 -3.74
C ALA B 65 -21.91 3.58 -3.55
N GLY B 66 -21.27 4.66 -3.10
CA GLY B 66 -21.97 5.89 -2.82
C GLY B 66 -22.17 6.12 -1.33
N LYS B 67 -22.27 5.03 -0.58
CA LYS B 67 -22.55 5.15 0.85
C LYS B 67 -21.26 5.32 1.65
N THR B 68 -21.42 5.63 2.93
CA THR B 68 -20.30 5.85 3.81
C THR B 68 -20.65 5.40 5.21
N CYS B 69 -19.64 4.89 5.92
CA CYS B 69 -19.76 4.62 7.34
C CYS B 69 -18.44 4.87 8.02
N THR B 70 -18.50 5.37 9.25
CA THR B 70 -17.32 5.56 10.06
C THR B 70 -17.53 4.80 11.36
N LEU B 71 -16.48 4.15 11.82
CA LEU B 71 -16.54 3.30 13.00
C LEU B 71 -15.34 3.62 13.89
N ARG B 72 -15.42 3.23 15.14
CA ARG B 72 -14.24 3.29 15.99
C ARG B 72 -14.08 1.99 16.75
N ILE B 73 -12.84 1.50 16.80
CA ILE B 73 -12.57 0.23 17.45
C ILE B 73 -11.79 0.44 18.73
N LYS B 74 -11.76 -0.60 19.56
CA LYS B 74 -10.88 -0.67 20.70
C LYS B 74 -10.12 -1.95 20.51
N LEU B 75 -8.80 -1.83 20.36
CA LEU B 75 -7.97 -3.00 20.09
C LEU B 75 -7.32 -3.58 21.33
N ALA B 76 -7.22 -4.92 21.38
CA ALA B 76 -6.34 -5.54 22.34
C ALA B 76 -4.90 -5.54 21.81
N PRO B 77 -3.90 -5.55 22.71
CA PRO B 77 -2.52 -5.74 22.29
C PRO B 77 -2.35 -7.10 21.61
N ASP B 78 -3.38 -7.92 21.79
CA ASP B 78 -3.53 -9.19 21.10
C ASP B 78 -3.67 -8.94 19.59
N GLY B 79 -4.28 -7.81 19.24
CA GLY B 79 -4.79 -7.60 17.89
C GLY B 79 -6.27 -7.97 17.78
N MET B 80 -6.82 -8.49 18.87
CA MET B 80 -8.26 -8.79 18.93
C MET B 80 -9.07 -7.52 19.14
N LEU B 81 -10.26 -7.52 18.57
CA LEU B 81 -11.19 -6.42 18.73
C LEU B 81 -11.81 -6.50 20.12
N LEU B 82 -11.64 -5.43 20.90
CA LEU B 82 -12.24 -5.37 22.23
C LEU B 82 -13.64 -4.82 22.10
N ASP B 83 -13.80 -3.92 21.14
CA ASP B 83 -15.04 -3.19 21.01
C ASP B 83 -15.08 -2.48 19.67
N ILE B 84 -16.27 -2.14 19.21
CA ILE B 84 -16.42 -1.39 17.98
C ILE B 84 -17.78 -0.70 17.96
N LYS B 85 -17.80 0.60 17.70
CA LYS B 85 -19.03 1.35 17.76
C LYS B 85 -19.18 2.24 16.52
N PRO B 86 -20.36 2.17 15.87
CA PRO B 86 -20.63 2.92 14.65
C PRO B 86 -20.76 4.39 14.99
N GLU B 87 -20.01 5.24 14.31
CA GLU B 87 -20.07 6.67 14.60
C GLU B 87 -20.73 7.45 13.47
N GLY B 88 -21.60 6.80 12.70
CA GLY B 88 -22.38 7.51 11.71
C GLY B 88 -22.26 6.97 10.29
N GLY B 89 -23.38 6.93 9.59
CA GLY B 89 -23.37 6.61 8.17
C GLY B 89 -24.59 5.84 7.71
N ASP B 90 -24.47 5.23 6.53
CA ASP B 90 -25.55 4.47 5.93
C ASP B 90 -25.79 3.17 6.69
N PRO B 91 -26.97 3.02 7.30
CA PRO B 91 -27.42 1.82 8.02
C PRO B 91 -26.93 0.51 7.43
N ALA B 92 -27.28 0.24 6.19
CA ALA B 92 -26.88 -0.98 5.50
C ALA B 92 -25.35 -1.18 5.49
N LEU B 93 -24.64 -0.21 4.93
CA LEU B 93 -23.18 -0.27 4.87
C LEU B 93 -22.58 -0.43 6.26
N CYS B 94 -23.07 0.36 7.21
CA CYS B 94 -22.57 0.34 8.58
C CYS B 94 -22.70 -1.06 9.19
N GLN B 95 -23.81 -1.71 8.87
CA GLN B 95 -24.09 -3.04 9.36
C GLN B 95 -23.03 -4.01 8.84
N ALA B 96 -22.86 -4.02 7.54
CA ALA B 96 -21.86 -4.88 6.91
C ALA B 96 -20.47 -4.58 7.46
N ALA B 97 -20.16 -3.29 7.60
CA ALA B 97 -18.85 -2.87 8.10
C ALA B 97 -18.57 -3.43 9.51
N LEU B 98 -19.57 -3.32 10.40
CA LEU B 98 -19.51 -3.92 11.72
C LEU B 98 -19.18 -5.41 11.66
N ALA B 99 -19.82 -6.11 10.72
CA ALA B 99 -19.64 -7.55 10.60
C ALA B 99 -18.23 -7.84 10.12
N ALA B 100 -17.83 -7.17 9.06
CA ALA B 100 -16.49 -7.36 8.52
C ALA B 100 -15.47 -7.24 9.63
N ALA B 101 -15.57 -6.16 10.40
CA ALA B 101 -14.58 -5.85 11.44
C ALA B 101 -14.60 -6.85 12.57
N LYS B 102 -15.81 -7.23 12.99
CA LYS B 102 -15.94 -8.16 14.10
C LYS B 102 -15.36 -9.52 13.69
N LEU B 103 -15.46 -9.84 12.41
CA LEU B 103 -15.02 -11.13 11.89
C LEU B 103 -13.56 -11.13 11.47
N ALA B 104 -13.03 -9.94 11.22
CA ALA B 104 -11.67 -9.83 10.70
C ALA B 104 -10.65 -10.47 11.63
N LYS B 105 -9.65 -11.11 11.05
CA LYS B 105 -8.59 -11.68 11.85
C LYS B 105 -7.42 -10.70 11.85
N ILE B 106 -7.44 -9.78 12.80
CA ILE B 106 -6.42 -8.74 12.87
C ILE B 106 -5.22 -9.28 13.63
N PRO B 107 -4.04 -9.20 13.03
CA PRO B 107 -2.89 -9.81 13.68
C PRO B 107 -2.38 -8.98 14.84
N LYS B 108 -1.53 -9.59 15.65
CA LYS B 108 -0.85 -8.91 16.72
C LYS B 108 0.02 -7.78 16.15
N PRO B 109 -0.02 -6.59 16.77
CA PRO B 109 0.87 -5.52 16.33
C PRO B 109 2.32 -5.94 16.44
N PRO B 110 3.18 -5.40 15.56
CA PRO B 110 4.63 -5.58 15.53
C PRO B 110 5.31 -5.11 16.81
N SER B 111 4.72 -4.12 17.49
CA SER B 111 5.30 -3.61 18.74
C SER B 111 4.21 -2.93 19.54
N GLN B 112 4.54 -2.61 20.78
CA GLN B 112 3.60 -1.90 21.65
C GLN B 112 3.43 -0.50 21.11
N ALA B 113 4.53 0.05 20.62
CA ALA B 113 4.52 1.38 20.04
C ALA B 113 3.45 1.46 18.99
N VAL B 114 3.47 0.52 18.06
CA VAL B 114 2.51 0.52 16.96
C VAL B 114 1.10 0.25 17.47
N TYR B 115 0.99 -0.61 18.48
CA TYR B 115 -0.29 -0.91 19.12
C TYR B 115 -0.94 0.36 19.65
N GLU B 116 -0.17 1.13 20.43
CA GLU B 116 -0.63 2.40 20.96
C GLU B 116 -1.15 3.34 19.87
N VAL B 117 -0.57 3.28 18.67
CA VAL B 117 -1.03 4.13 17.58
C VAL B 117 -2.45 3.79 17.15
N PHE B 118 -2.81 2.51 17.19
CA PHE B 118 -4.09 2.07 16.67
C PHE B 118 -5.05 1.54 17.74
N LYS B 119 -4.68 1.68 19.01
CA LYS B 119 -5.50 1.24 20.13
C LYS B 119 -6.98 1.63 19.98
N ASN B 120 -7.22 2.83 19.45
CA ASN B 120 -8.56 3.39 19.35
C ASN B 120 -8.87 3.94 17.96
N ALA B 121 -8.31 3.28 16.95
CA ALA B 121 -8.42 3.68 15.55
C ALA B 121 -9.86 3.84 15.08
N PRO B 122 -10.11 4.89 14.29
CA PRO B 122 -11.37 5.04 13.55
C PRO B 122 -11.25 4.30 12.23
N LEU B 123 -12.37 3.83 11.66
CA LEU B 123 -12.34 3.17 10.35
C LEU B 123 -13.37 3.80 9.43
N ASP B 124 -12.96 4.08 8.20
CA ASP B 124 -13.87 4.62 7.20
C ASP B 124 -14.18 3.52 6.22
N PHE B 125 -15.45 3.38 5.90
CA PHE B 125 -15.85 2.51 4.82
C PHE B 125 -16.46 3.42 3.78
N LYS B 126 -15.78 3.55 2.65
CA LYS B 126 -16.27 4.37 1.56
C LYS B 126 -16.05 3.60 0.26
N PRO B 127 -16.92 2.61 0.00
CA PRO B 127 -16.82 1.73 -1.17
C PRO B 127 -16.93 2.48 -2.48
N ALA B 128 -16.14 2.04 -3.47
CA ALA B 128 -16.18 2.65 -4.79
C ALA B 128 -16.87 1.74 -5.80
N THR C 2 5.91 -18.65 18.09
CA THR C 2 5.29 -18.12 16.88
C THR C 2 5.57 -19.02 15.65
N THR C 3 4.54 -19.72 15.18
CA THR C 3 4.71 -20.84 14.25
C THR C 3 4.53 -20.47 12.77
N ASP C 4 4.83 -21.44 11.91
CA ASP C 4 4.59 -21.27 10.48
C ASP C 4 3.10 -21.04 10.23
N ALA C 5 2.29 -21.83 10.90
CA ALA C 5 0.85 -21.76 10.75
C ALA C 5 0.35 -20.39 11.18
N GLU C 6 0.93 -19.85 12.24
CA GLU C 6 0.51 -18.53 12.70
C GLU C 6 0.89 -17.45 11.67
N CYS C 7 2.11 -17.52 11.15
CA CYS C 7 2.54 -16.57 10.15
C CYS C 7 1.63 -16.61 8.91
N LEU C 8 1.36 -17.81 8.40
CA LEU C 8 0.53 -17.92 7.20
C LEU C 8 -0.82 -17.25 7.39
N SER C 9 -1.32 -17.27 8.62
CA SER C 9 -2.62 -16.71 8.90
C SER C 9 -2.62 -15.18 8.97
N LYS C 10 -1.45 -14.56 8.99
CA LYS C 10 -1.40 -13.10 8.99
C LYS C 10 -1.72 -12.51 7.61
N PRO C 11 -2.32 -11.32 7.58
CA PRO C 11 -2.70 -10.76 6.28
C PRO C 11 -1.49 -10.32 5.47
N ALA C 12 -1.56 -10.51 4.16
CA ALA C 12 -0.67 -9.86 3.22
C ALA C 12 -0.92 -8.35 3.25
N PHE C 13 0.05 -7.57 2.76
CA PHE C 13 -0.08 -6.12 2.68
C PHE C 13 0.77 -5.53 1.56
N ASP C 14 0.53 -4.26 1.24
CA ASP C 14 1.32 -3.56 0.26
C ASP C 14 2.12 -2.51 1.02
N GLY C 15 3.44 -2.52 0.86
CA GLY C 15 4.25 -1.54 1.55
C GLY C 15 5.70 -1.91 1.50
N THR C 16 6.50 -1.25 2.32
CA THR C 16 7.95 -1.36 2.25
C THR C 16 8.47 -2.21 3.41
N LEU C 17 9.27 -3.21 3.08
CA LEU C 17 10.06 -3.86 4.12
C LEU C 17 11.53 -3.58 3.86
N SER C 18 12.33 -3.63 4.92
CA SER C 18 13.75 -3.36 4.83
C SER C 18 14.53 -4.59 5.24
N ASN C 19 15.84 -4.52 5.04
CA ASN C 19 16.72 -5.67 5.30
C ASN C 19 16.19 -6.88 4.55
N VAL C 20 15.76 -6.61 3.33
CA VAL C 20 15.33 -7.60 2.38
C VAL C 20 16.52 -8.33 1.80
N TRP C 21 16.39 -9.63 1.63
CA TRP C 21 17.48 -10.43 1.14
C TRP C 21 16.96 -11.27 0.00
N LYS C 22 17.87 -11.86 -0.78
CA LYS C 22 17.49 -12.58 -1.97
C LYS C 22 17.89 -14.05 -1.87
N GLU C 23 16.93 -14.95 -2.06
CA GLU C 23 17.20 -16.37 -2.25
C GLU C 23 16.73 -16.69 -3.65
N GLY C 24 17.62 -17.25 -4.45
CA GLY C 24 17.30 -17.53 -5.84
C GLY C 24 16.77 -16.29 -6.54
N ASP C 25 15.56 -16.41 -7.10
CA ASP C 25 14.93 -15.33 -7.83
C ASP C 25 14.07 -14.47 -6.94
N SER C 26 13.93 -14.86 -5.68
CA SER C 26 12.89 -14.28 -4.84
C SER C 26 13.45 -13.50 -3.68
N ARG C 27 12.66 -12.53 -3.20
CA ARG C 27 13.07 -11.67 -2.10
C ARG C 27 12.20 -11.87 -0.86
N TYR C 28 12.83 -11.71 0.30
CA TYR C 28 12.22 -12.00 1.58
C TYR C 28 12.58 -10.93 2.61
N ALA C 29 11.81 -10.83 3.68
CA ALA C 29 12.15 -9.91 4.78
C ALA C 29 11.48 -10.37 6.06
N ASN C 30 12.09 -10.02 7.20
CA ASN C 30 11.53 -10.31 8.50
C ASN C 30 10.48 -9.27 8.90
N PHE C 31 9.36 -9.75 9.40
CA PHE C 31 8.31 -8.88 9.91
C PHE C 31 7.43 -9.67 10.85
N GLU C 32 7.10 -9.09 12.00
CA GLU C 32 6.24 -9.77 12.96
C GLU C 32 6.66 -11.21 13.29
N ASN C 33 7.96 -11.43 13.46
CA ASN C 33 8.47 -12.78 13.79
C ASN C 33 8.22 -13.77 12.65
N CYS C 34 7.83 -13.22 11.50
CA CYS C 34 7.54 -14.05 10.34
C CYS C 34 8.40 -13.63 9.18
N ILE C 35 8.41 -14.44 8.14
CA ILE C 35 9.10 -14.10 6.90
C ILE C 35 8.06 -13.88 5.81
N TYR C 36 8.16 -12.74 5.13
CA TYR C 36 7.25 -12.34 4.06
C TYR C 36 8.00 -12.42 2.73
N GLU C 37 7.27 -12.74 1.67
CA GLU C 37 7.85 -12.78 0.34
C GLU C 37 7.23 -11.72 -0.57
N LEU C 38 8.04 -11.21 -1.49
CA LEU C 38 7.59 -10.15 -2.38
C LEU C 38 7.04 -10.78 -3.65
N SER C 39 5.87 -10.32 -4.07
CA SER C 39 5.33 -10.73 -5.36
C SER C 39 4.91 -9.47 -6.10
N GLY C 40 4.54 -9.62 -7.37
CA GLY C 40 4.04 -8.52 -8.16
C GLY C 40 5.14 -7.71 -8.81
N ILE C 41 4.85 -6.44 -9.03
CA ILE C 41 5.85 -5.47 -9.36
C ILE C 41 6.36 -4.87 -8.06
N GLY C 42 7.67 -4.91 -7.85
CA GLY C 42 8.23 -4.34 -6.64
C GLY C 42 9.26 -3.31 -7.00
N ILE C 43 9.37 -2.27 -6.17
CA ILE C 43 10.36 -1.23 -6.38
C ILE C 43 11.38 -1.25 -5.26
N GLY C 44 12.65 -1.27 -5.63
CA GLY C 44 13.71 -1.30 -4.64
C GLY C 44 14.33 0.04 -4.31
N TYR C 45 14.95 0.11 -3.14
CA TYR C 45 15.87 1.20 -2.80
C TYR C 45 16.72 0.85 -1.60
N ASP C 46 17.44 1.85 -1.10
CA ASP C 46 18.45 1.64 -0.06
C ASP C 46 19.32 0.43 -0.38
N ASN C 47 20.04 0.54 -1.49
CA ASN C 47 20.90 -0.53 -1.98
C ASN C 47 20.24 -1.88 -2.11
N ASP C 48 18.98 -1.88 -2.52
CA ASP C 48 18.28 -3.13 -2.79
C ASP C 48 17.87 -3.86 -1.53
N THR C 49 18.05 -3.23 -0.37
CA THR C 49 17.68 -3.85 0.90
C THR C 49 16.31 -3.42 1.38
N SER C 50 15.75 -2.40 0.73
CA SER C 50 14.36 -1.98 0.99
C SER C 50 13.52 -2.13 -0.27
N TRP C 51 12.38 -2.77 -0.12
CA TRP C 51 11.50 -3.03 -1.26
C TRP C 51 10.04 -2.70 -0.99
N ASN C 52 9.43 -1.97 -1.91
CA ASN C 52 8.01 -1.69 -1.84
C ASN C 52 7.23 -2.65 -2.74
N GLY C 53 6.17 -3.25 -2.22
CA GLY C 53 5.30 -4.06 -3.05
C GLY C 53 4.35 -4.94 -2.25
N HIS C 54 3.99 -6.08 -2.82
CA HIS C 54 3.06 -6.98 -2.15
C HIS C 54 3.85 -8.04 -1.39
N TRP C 55 3.60 -8.08 -0.09
CA TRP C 55 4.32 -8.97 0.82
C TRP C 55 3.38 -10.00 1.37
N THR C 56 3.79 -11.25 1.29
CA THR C 56 2.99 -12.34 1.80
C THR C 56 3.83 -13.18 2.74
N PRO C 57 3.27 -13.48 3.93
CA PRO C 57 3.96 -14.34 4.90
C PRO C 57 4.08 -15.75 4.37
N VAL C 58 5.25 -16.36 4.53
CA VAL C 58 5.49 -17.69 4.01
C VAL C 58 5.90 -18.69 5.09
N ARG C 59 6.61 -18.22 6.10
CA ARG C 59 7.06 -19.08 7.20
C ARG C 59 7.55 -18.27 8.40
N ALA C 60 7.96 -18.95 9.46
CA ALA C 60 8.38 -18.28 10.67
C ALA C 60 9.81 -17.81 10.51
N ALA C 61 10.24 -16.90 11.36
CA ALA C 61 11.62 -16.41 11.32
C ALA C 61 12.66 -17.55 11.30
N ASP C 62 13.87 -17.23 10.84
CA ASP C 62 14.96 -18.20 10.64
C ASP C 62 14.79 -19.02 9.36
N SER D 39 11.74 11.74 4.58
CA SER D 39 10.30 11.57 4.72
C SER D 39 9.95 10.14 4.35
N GLY D 40 9.63 9.33 5.36
CA GLY D 40 9.44 7.90 5.15
C GLY D 40 8.17 7.54 4.40
N ALA D 41 7.10 8.29 4.65
CA ALA D 41 5.82 8.00 4.02
C ALA D 41 5.83 8.49 2.58
N ASP D 42 6.48 9.62 2.34
CA ASP D 42 6.66 10.14 0.99
C ASP D 42 7.39 9.15 0.10
N ILE D 43 8.38 8.49 0.67
CA ILE D 43 9.18 7.53 -0.09
C ILE D 43 8.30 6.34 -0.47
N ASN D 44 7.60 5.79 0.51
CA ASN D 44 6.67 4.69 0.28
C ASN D 44 5.53 5.03 -0.70
N ASN D 45 4.91 6.20 -0.54
CA ASN D 45 3.84 6.61 -1.44
C ASN D 45 4.30 6.81 -2.89
N TYR D 46 5.47 7.41 -3.06
CA TYR D 46 6.04 7.54 -4.39
C TYR D 46 6.35 6.19 -5.01
N ALA D 47 6.91 5.27 -4.23
CA ALA D 47 7.17 3.92 -4.73
C ALA D 47 5.87 3.30 -5.21
N GLY D 48 4.83 3.43 -4.40
CA GLY D 48 3.51 2.94 -4.78
C GLY D 48 2.93 3.57 -6.04
N GLN D 49 3.37 4.77 -6.37
CA GLN D 49 2.91 5.43 -7.60
C GLN D 49 3.70 4.98 -8.82
N ILE D 50 4.98 4.71 -8.62
CA ILE D 50 5.76 4.08 -9.68
C ILE D 50 5.15 2.72 -10.06
N LYS D 51 4.92 1.91 -9.03
CA LYS D 51 4.35 0.58 -9.15
C LYS D 51 2.97 0.65 -9.80
N SER D 52 2.16 1.60 -9.34
CA SER D 52 0.82 1.76 -9.88
C SER D 52 0.90 2.14 -11.36
N ALA D 53 1.81 3.06 -11.69
CA ALA D 53 1.96 3.53 -13.07
C ALA D 53 2.37 2.43 -14.04
N ILE D 54 3.39 1.66 -13.65
CA ILE D 54 3.84 0.54 -14.43
C ILE D 54 2.78 -0.56 -14.48
N GLU D 55 2.18 -0.83 -13.34
CA GLU D 55 1.14 -1.85 -13.28
C GLU D 55 0.14 -1.65 -14.41
N SER D 56 -0.25 -0.40 -14.67
CA SER D 56 -1.33 -0.17 -15.61
C SER D 56 -0.90 -0.26 -17.07
N LYS D 57 0.41 -0.33 -17.32
CA LYS D 57 0.93 -0.53 -18.67
C LYS D 57 1.43 -1.97 -18.83
N PHE D 58 1.08 -2.81 -17.86
CA PHE D 58 1.59 -4.17 -17.80
C PHE D 58 0.48 -5.15 -18.05
N TYR D 59 0.50 -5.79 -19.21
CA TYR D 59 -0.67 -6.52 -19.67
C TYR D 59 -0.53 -8.04 -19.61
N ASP D 60 -1.64 -8.71 -19.33
CA ASP D 60 -1.65 -10.16 -19.20
C ASP D 60 -0.66 -10.61 -18.14
N ALA D 61 -0.68 -9.93 -17.00
CA ALA D 61 0.26 -10.19 -15.91
C ALA D 61 0.30 -11.65 -15.52
N SER D 62 -0.87 -12.25 -15.32
CA SER D 62 -0.93 -13.63 -14.85
C SER D 62 -0.52 -14.63 -15.92
N SER D 63 -0.39 -14.17 -17.17
CA SER D 63 0.13 -14.99 -18.24
C SER D 63 1.58 -15.41 -17.94
N TYR D 64 2.21 -14.68 -17.03
CA TYR D 64 3.62 -14.91 -16.73
C TYR D 64 3.81 -15.48 -15.34
N ALA D 65 2.73 -16.00 -14.76
CA ALA D 65 2.79 -16.56 -13.42
C ALA D 65 3.91 -17.59 -13.30
N GLY D 66 4.82 -17.38 -12.36
CA GLY D 66 5.95 -18.26 -12.19
C GLY D 66 7.25 -17.68 -12.74
N LYS D 67 7.13 -16.69 -13.62
CA LYS D 67 8.33 -16.11 -14.23
C LYS D 67 8.84 -14.96 -13.38
N THR D 68 10.09 -14.60 -13.64
CA THR D 68 10.75 -13.53 -12.92
C THR D 68 11.52 -12.66 -13.89
N CYS D 69 11.53 -11.36 -13.60
CA CYS D 69 12.39 -10.43 -14.31
C CYS D 69 12.73 -9.34 -13.35
N THR D 70 13.95 -8.83 -13.46
CA THR D 70 14.39 -7.72 -12.64
C THR D 70 15.08 -6.72 -13.55
N LEU D 71 14.73 -5.45 -13.40
CA LEU D 71 15.23 -4.37 -14.25
C LEU D 71 15.86 -3.28 -13.40
N ARG D 72 16.63 -2.41 -14.05
CA ARG D 72 17.05 -1.19 -13.40
C ARG D 72 16.70 0.03 -14.23
N ILE D 73 16.22 1.08 -13.58
CA ILE D 73 15.85 2.30 -14.27
C ILE D 73 16.80 3.44 -13.97
N LYS D 74 16.73 4.48 -14.79
CA LYS D 74 17.36 5.75 -14.51
C LYS D 74 16.26 6.77 -14.62
N LEU D 75 15.96 7.45 -13.52
CA LEU D 75 14.86 8.39 -13.52
C LEU D 75 15.31 9.82 -13.72
N ALA D 76 14.52 10.58 -14.46
CA ALA D 76 14.67 12.04 -14.50
C ALA D 76 14.01 12.68 -13.28
N PRO D 77 14.50 13.87 -12.90
CA PRO D 77 13.91 14.63 -11.78
C PRO D 77 12.42 14.90 -11.97
N ASP D 78 11.90 14.85 -13.20
CA ASP D 78 10.47 15.06 -13.41
C ASP D 78 9.70 13.74 -13.49
N GLY D 79 10.41 12.63 -13.31
CA GLY D 79 9.75 11.34 -13.28
C GLY D 79 9.71 10.62 -14.60
N MET D 80 10.32 11.21 -15.62
CA MET D 80 10.48 10.52 -16.90
C MET D 80 11.61 9.50 -16.80
N LEU D 81 11.43 8.41 -17.54
CA LEU D 81 12.43 7.38 -17.64
C LEU D 81 13.56 7.81 -18.59
N LEU D 82 14.80 7.86 -18.08
CA LEU D 82 15.96 8.17 -18.92
C LEU D 82 16.44 6.92 -19.60
N ASP D 83 16.41 5.81 -18.87
CA ASP D 83 16.94 4.57 -19.38
C ASP D 83 16.45 3.42 -18.54
N ILE D 84 16.41 2.24 -19.15
CA ILE D 84 16.02 1.02 -18.45
C ILE D 84 16.77 -0.18 -19.01
N LYS D 85 17.38 -0.97 -18.13
CA LYS D 85 18.16 -2.11 -18.57
C LYS D 85 17.66 -3.38 -17.87
N PRO D 86 17.52 -4.48 -18.62
CA PRO D 86 17.03 -5.73 -18.04
C PRO D 86 18.19 -6.40 -17.37
N GLU D 87 18.03 -6.83 -16.13
CA GLU D 87 19.14 -7.44 -15.41
C GLU D 87 18.85 -8.90 -15.07
N GLY D 88 18.20 -9.61 -15.99
CA GLY D 88 18.01 -11.04 -15.84
C GLY D 88 16.58 -11.49 -15.66
N GLY D 89 16.25 -12.63 -16.26
CA GLY D 89 14.97 -13.28 -16.02
C GLY D 89 14.38 -13.87 -17.27
N ASP D 90 13.11 -14.24 -17.20
CA ASP D 90 12.40 -14.82 -18.33
C ASP D 90 12.24 -13.80 -19.46
N PRO D 91 12.91 -14.04 -20.59
CA PRO D 91 12.88 -13.23 -21.82
C PRO D 91 11.52 -12.65 -22.16
N ALA D 92 10.47 -13.44 -22.02
CA ALA D 92 9.12 -13.00 -22.40
C ALA D 92 8.51 -12.04 -21.38
N LEU D 93 8.63 -12.39 -20.10
CA LEU D 93 8.23 -11.49 -19.03
C LEU D 93 9.01 -10.19 -19.10
N CYS D 94 10.33 -10.30 -19.28
CA CYS D 94 11.21 -9.13 -19.32
C CYS D 94 10.82 -8.15 -20.42
N GLN D 95 10.41 -8.67 -21.57
CA GLN D 95 10.03 -7.82 -22.68
C GLN D 95 8.79 -7.03 -22.32
N ALA D 96 7.80 -7.73 -21.77
CA ALA D 96 6.57 -7.09 -21.33
C ALA D 96 6.85 -6.04 -20.25
N ALA D 97 7.71 -6.40 -19.29
CA ALA D 97 8.11 -5.49 -18.23
C ALA D 97 8.74 -4.22 -18.80
N LEU D 98 9.68 -4.39 -19.71
CA LEU D 98 10.32 -3.27 -20.42
C LEU D 98 9.29 -2.33 -21.05
N ALA D 99 8.29 -2.91 -21.70
CA ALA D 99 7.25 -2.13 -22.37
C ALA D 99 6.42 -1.39 -21.33
N ALA D 100 5.95 -2.13 -20.33
CA ALA D 100 5.22 -1.51 -19.23
C ALA D 100 5.94 -0.26 -18.77
N ALA D 101 7.19 -0.41 -18.37
CA ALA D 101 7.94 0.69 -17.75
C ALA D 101 8.15 1.85 -18.70
N LYS D 102 8.49 1.55 -19.95
CA LYS D 102 8.72 2.62 -20.91
C LYS D 102 7.45 3.43 -21.11
N LEU D 103 6.30 2.76 -21.08
CA LEU D 103 5.01 3.41 -21.29
C LEU D 103 4.49 4.07 -20.02
N ALA D 104 4.86 3.53 -18.87
CA ALA D 104 4.35 4.04 -17.60
C ALA D 104 4.44 5.56 -17.53
N LYS D 105 3.43 6.19 -16.95
CA LYS D 105 3.49 7.65 -16.72
C LYS D 105 3.81 7.88 -15.26
N ILE D 106 5.10 7.87 -14.96
CA ILE D 106 5.58 8.06 -13.60
C ILE D 106 5.55 9.53 -13.28
N PRO D 107 4.88 9.91 -12.19
CA PRO D 107 4.77 11.34 -11.88
C PRO D 107 6.10 11.86 -11.35
N LYS D 108 6.20 13.19 -11.23
CA LYS D 108 7.35 13.82 -10.60
C LYS D 108 7.44 13.46 -9.12
N PRO D 109 8.66 13.21 -8.61
CA PRO D 109 8.79 12.92 -7.18
C PRO D 109 8.27 14.07 -6.33
N PRO D 110 7.71 13.77 -5.14
CA PRO D 110 7.24 14.77 -4.17
C PRO D 110 8.31 15.79 -3.84
N SER D 111 9.56 15.40 -4.00
CA SER D 111 10.68 16.28 -3.66
C SER D 111 11.96 15.67 -4.18
N GLN D 112 13.03 16.47 -4.18
CA GLN D 112 14.34 16.04 -4.65
C GLN D 112 14.86 14.93 -3.77
N ALA D 113 14.57 15.00 -2.48
CA ALA D 113 15.00 13.95 -1.58
C ALA D 113 14.50 12.60 -2.07
N VAL D 114 13.20 12.51 -2.29
CA VAL D 114 12.58 11.26 -2.75
C VAL D 114 13.14 10.86 -4.12
N TYR D 115 13.37 11.85 -4.97
CA TYR D 115 13.96 11.60 -6.29
C TYR D 115 15.27 10.82 -6.16
N GLU D 116 16.18 11.37 -5.37
CA GLU D 116 17.45 10.72 -5.09
C GLU D 116 17.29 9.25 -4.66
N VAL D 117 16.30 8.96 -3.82
CA VAL D 117 16.07 7.58 -3.39
C VAL D 117 15.82 6.64 -4.57
N PHE D 118 15.16 7.14 -5.61
CA PHE D 118 14.73 6.27 -6.69
C PHE D 118 15.42 6.52 -8.03
N LYS D 119 16.37 7.44 -8.03
CA LYS D 119 17.16 7.77 -9.22
C LYS D 119 17.57 6.55 -10.05
N ASN D 120 17.95 5.47 -9.36
CA ASN D 120 18.46 4.26 -9.99
C ASN D 120 17.76 2.99 -9.50
N ALA D 121 16.47 3.10 -9.24
CA ALA D 121 15.68 2.02 -8.68
C ALA D 121 15.73 0.74 -9.49
N PRO D 122 15.95 -0.38 -8.81
CA PRO D 122 15.72 -1.70 -9.40
C PRO D 122 14.22 -2.00 -9.39
N LEU D 123 13.71 -2.68 -10.42
CA LEU D 123 12.30 -3.13 -10.44
C LEU D 123 12.25 -4.64 -10.54
N ASP D 124 11.32 -5.25 -9.80
CA ASP D 124 11.11 -6.69 -9.86
C ASP D 124 9.71 -6.97 -10.42
N PHE D 125 9.64 -7.84 -11.41
CA PHE D 125 8.36 -8.33 -11.88
C PHE D 125 8.26 -9.80 -11.53
N LYS D 126 7.36 -10.11 -10.63
CA LYS D 126 7.15 -11.49 -10.20
C LYS D 126 5.65 -11.72 -10.09
N PRO D 127 5.00 -11.94 -11.24
CA PRO D 127 3.54 -12.09 -11.29
C PRO D 127 3.05 -13.34 -10.58
N ALA D 128 1.83 -13.28 -10.07
CA ALA D 128 1.24 -14.41 -9.36
C ALA D 128 -0.05 -14.87 -10.03
#